data_5TOZ
#
_entry.id   5TOZ
#
_cell.length_a   47.868
_cell.length_b   75.640
_cell.length_c   89.811
_cell.angle_alpha   90.000
_cell.angle_beta   90.000
_cell.angle_gamma   90.000
#
_symmetry.space_group_name_H-M   'P 21 21 21'
#
loop_
_entity.id
_entity.type
_entity.pdbx_description
1 polymer 'Tyrosine-protein kinase JAK3'
2 non-polymer 1-{(2S,5R)-2-methyl-5-[(7H-pyrrolo[2,3-d]pyrimidin-4-yl)amino]piperidin-1-yl}propan-1-one
3 non-polymer 'SULFATE ION'
4 water water
#
_entity_poly.entity_id   1
_entity_poly.type   'polypeptide(L)'
_entity_poly.pdbx_seq_one_letter_code
;MGHHHHHHQDPTIFEERHLKYISQLGKGNFGSVELCRYDPLGDNTGALVAVKQLQHSGPDQQRDFQREIQILKALHSDFI
VKYRGVSYGPGRQSLRLVMEYLPSGCLRDFLQRHRARLDASRLLLYSSQICKGMEYLGSRRCVHRDLAARNILVESEAHV
KIADFGLAKLLPLDKDYYVVREPGQSPIFWYAPESLSDNIFSRQSDVWSFGVVLYELFTYCDKSCSPSAEFLRMMGCERD
VPALSRLLELLEEGQRLPAPPACPAEVHELMKLCWAPSPQDRPSFSALGPQLDMLWSGSRGCETHAFTAHPEGKHHSLSF
S
;
_entity_poly.pdbx_strand_id   A
#
loop_
_chem_comp.id
_chem_comp.type
_chem_comp.name
_chem_comp.formula
7H4 non-polymer 1-{(2S,5R)-2-methyl-5-[(7H-pyrrolo[2,3-d]pyrimidin-4-yl)amino]piperidin-1-yl}propan-1-one 'C15 H21 N5 O'
SO4 non-polymer 'SULFATE ION' 'O4 S -2'
#
# COMPACT_ATOMS: atom_id res chain seq x y z
N THR A 12 11.88 9.89 -20.18
CA THR A 12 10.96 8.76 -20.12
C THR A 12 11.63 7.43 -20.53
N ILE A 13 12.74 7.52 -21.30
CA ILE A 13 13.48 6.34 -21.73
C ILE A 13 14.87 6.41 -21.12
N PHE A 14 15.21 5.38 -20.35
CA PHE A 14 16.50 5.29 -19.67
C PHE A 14 17.31 4.19 -20.33
N GLU A 15 18.53 4.50 -20.73
CA GLU A 15 19.40 3.51 -21.36
C GLU A 15 19.99 2.60 -20.29
N GLU A 16 19.90 1.27 -20.52
CA GLU A 16 20.42 0.19 -19.66
C GLU A 16 21.83 0.47 -19.16
N ARG A 17 22.75 0.80 -20.10
CA ARG A 17 24.15 1.03 -19.81
C ARG A 17 24.42 2.18 -18.84
N HIS A 18 23.51 3.15 -18.75
CA HIS A 18 23.69 4.29 -17.86
C HIS A 18 23.12 4.08 -16.45
N LEU A 19 22.29 3.04 -16.24
CA LEU A 19 21.75 2.77 -14.90
C LEU A 19 22.78 1.97 -14.14
N LYS A 20 23.39 2.59 -13.11
CA LYS A 20 24.43 1.97 -12.28
C LYS A 20 23.88 1.38 -10.99
N TYR A 21 24.04 0.06 -10.80
CA TYR A 21 23.52 -0.63 -9.60
C TYR A 21 24.21 -0.17 -8.33
N ILE A 22 23.42 0.13 -7.27
CA ILE A 22 24.01 0.56 -6.00
C ILE A 22 23.70 -0.43 -4.89
N SER A 23 22.41 -0.73 -4.64
CA SER A 23 22.03 -1.66 -3.59
C SER A 23 20.61 -2.17 -3.79
N GLN A 24 20.23 -3.14 -2.96
CA GLN A 24 18.87 -3.68 -2.99
C GLN A 24 18.01 -2.83 -2.10
N LEU A 25 16.82 -2.44 -2.56
CA LEU A 25 15.88 -1.72 -1.68
C LEU A 25 14.86 -2.72 -1.15
N GLY A 26 14.44 -3.64 -2.00
CA GLY A 26 13.49 -4.66 -1.64
C GLY A 26 13.33 -5.79 -2.63
N LYS A 27 12.64 -6.84 -2.17
CA LYS A 27 12.26 -8.05 -2.91
C LYS A 27 10.79 -8.28 -2.52
N GLY A 28 9.95 -8.57 -3.50
CA GLY A 28 8.52 -8.76 -3.26
C GLY A 28 7.93 -9.95 -3.99
N ASN A 29 6.81 -9.71 -4.70
CA ASN A 29 6.12 -10.73 -5.47
C ASN A 29 6.75 -10.81 -6.85
N PHE A 30 7.59 -11.86 -7.08
CA PHE A 30 8.29 -12.15 -8.34
C PHE A 30 9.22 -11.01 -8.87
N GLY A 31 9.47 -10.00 -8.05
CA GLY A 31 10.35 -8.91 -8.45
C GLY A 31 11.21 -8.30 -7.36
N SER A 32 12.09 -7.40 -7.77
CA SER A 32 12.98 -6.67 -6.85
C SER A 32 13.01 -5.20 -7.24
N VAL A 33 13.26 -4.34 -6.26
CA VAL A 33 13.44 -2.91 -6.41
C VAL A 33 14.88 -2.61 -5.99
N GLU A 34 15.63 -1.93 -6.85
CA GLU A 34 17.02 -1.61 -6.60
C GLU A 34 17.24 -0.11 -6.65
N LEU A 35 18.20 0.34 -5.86
CA LEU A 35 18.67 1.70 -5.89
C LEU A 35 19.77 1.73 -6.96
N CYS A 36 19.60 2.61 -7.94
CA CYS A 36 20.53 2.84 -9.05
C CYS A 36 20.83 4.28 -9.15
N ARG A 37 21.94 4.62 -9.80
CA ARG A 37 22.24 6.00 -10.15
C ARG A 37 22.10 6.09 -11.66
N TYR A 38 21.31 7.02 -12.16
CA TYR A 38 21.27 7.21 -13.60
C TYR A 38 22.44 8.13 -13.88
N ASP A 39 23.56 7.54 -14.31
CA ASP A 39 24.85 8.20 -14.47
C ASP A 39 25.41 8.23 -15.90
N PRO A 40 24.77 8.95 -16.86
CA PRO A 40 25.31 9.00 -18.23
C PRO A 40 26.73 9.56 -18.33
N LEU A 41 27.12 10.44 -17.37
CA LEU A 41 28.50 10.97 -17.38
C LEU A 41 29.54 9.99 -16.84
N GLY A 42 29.08 8.94 -16.13
CA GLY A 42 29.94 7.92 -15.54
C GLY A 42 30.91 8.42 -14.48
N ASP A 43 30.55 9.52 -13.78
CA ASP A 43 31.44 10.17 -12.82
C ASP A 43 30.88 10.24 -11.41
N ASN A 44 29.76 9.49 -11.16
CA ASN A 44 29.04 9.37 -9.87
C ASN A 44 28.24 10.63 -9.49
N THR A 45 28.00 11.53 -10.45
CA THR A 45 27.24 12.77 -10.17
C THR A 45 25.75 12.68 -10.54
N GLY A 46 25.35 11.64 -11.28
CA GLY A 46 23.95 11.45 -11.69
C GLY A 46 23.00 11.23 -10.51
N ALA A 47 21.68 11.40 -10.78
CA ALA A 47 20.59 11.27 -9.82
C ALA A 47 20.27 9.82 -9.49
N LEU A 48 19.87 9.58 -8.25
CA LEU A 48 19.46 8.29 -7.73
C LEU A 48 18.01 8.00 -8.15
N VAL A 49 17.73 6.77 -8.53
CA VAL A 49 16.37 6.34 -8.93
C VAL A 49 16.08 4.97 -8.31
N ALA A 50 14.80 4.63 -8.12
CA ALA A 50 14.39 3.30 -7.61
C ALA A 50 13.92 2.53 -8.86
N VAL A 51 14.53 1.36 -9.11
CA VAL A 51 14.28 0.60 -10.33
C VAL A 51 13.72 -0.79 -10.03
N LYS A 52 12.52 -1.07 -10.57
CA LYS A 52 11.89 -2.37 -10.37
C LYS A 52 12.05 -3.19 -11.65
N GLN A 53 12.29 -4.51 -11.48
CA GLN A 53 12.43 -5.46 -12.58
C GLN A 53 11.94 -6.84 -12.09
N LEU A 54 11.57 -7.73 -13.04
CA LEU A 54 11.16 -9.09 -12.67
C LEU A 54 12.42 -9.89 -12.36
N GLN A 55 12.43 -10.62 -11.22
CA GLN A 55 13.60 -11.39 -10.80
C GLN A 55 13.97 -12.54 -11.76
N HIS A 56 12.98 -13.37 -12.14
CA HIS A 56 13.11 -14.50 -13.07
C HIS A 56 11.88 -14.58 -13.98
N SER A 57 12.09 -15.09 -15.22
CA SER A 57 11.09 -15.22 -16.30
C SER A 57 9.79 -15.94 -15.92
N GLY A 58 8.74 -15.57 -16.65
CA GLY A 58 7.37 -16.07 -16.51
C GLY A 58 6.48 -15.31 -17.47
N PRO A 59 5.55 -15.98 -18.20
CA PRO A 59 4.69 -15.25 -19.15
C PRO A 59 3.61 -14.39 -18.46
N ASP A 60 3.01 -14.92 -17.38
CA ASP A 60 1.95 -14.29 -16.59
C ASP A 60 2.51 -13.09 -15.83
N GLN A 61 3.72 -13.24 -15.24
CA GLN A 61 4.45 -12.22 -14.48
C GLN A 61 4.80 -11.03 -15.38
N GLN A 62 5.21 -11.30 -16.65
CA GLN A 62 5.59 -10.30 -17.65
C GLN A 62 4.40 -9.43 -18.06
N ARG A 63 3.23 -10.06 -18.26
CA ARG A 63 1.97 -9.39 -18.62
C ARG A 63 1.56 -8.49 -17.43
N ASP A 64 1.66 -9.04 -16.20
CA ASP A 64 1.35 -8.34 -14.94
C ASP A 64 2.34 -7.18 -14.66
N PHE A 65 3.60 -7.31 -15.11
CA PHE A 65 4.58 -6.26 -14.91
C PHE A 65 4.27 -5.07 -15.84
N GLN A 66 3.96 -5.36 -17.12
CA GLN A 66 3.55 -4.36 -18.12
C GLN A 66 2.29 -3.62 -17.68
N ARG A 67 1.35 -4.33 -17.04
CA ARG A 67 0.09 -3.83 -16.47
C ARG A 67 0.43 -2.79 -15.38
N GLU A 68 1.32 -3.16 -14.45
CA GLU A 68 1.76 -2.28 -13.36
C GLU A 68 2.35 -0.97 -13.90
N ILE A 69 3.25 -1.08 -14.92
CA ILE A 69 3.91 0.07 -15.58
C ILE A 69 2.80 0.97 -16.20
N GLN A 70 1.83 0.37 -16.92
CA GLN A 70 0.73 1.12 -17.55
C GLN A 70 -0.12 1.86 -16.50
N ILE A 71 -0.38 1.21 -15.36
CA ILE A 71 -1.14 1.84 -14.28
C ILE A 71 -0.38 3.04 -13.69
N LEU A 72 0.87 2.82 -13.24
CA LEU A 72 1.67 3.88 -12.62
C LEU A 72 1.94 5.07 -13.52
N LYS A 73 2.26 4.81 -14.81
CA LYS A 73 2.52 5.85 -15.81
C LYS A 73 1.36 6.86 -15.93
N ALA A 74 0.11 6.38 -15.78
CA ALA A 74 -1.09 7.22 -15.90
C ALA A 74 -1.61 7.83 -14.58
N LEU A 75 -0.86 7.64 -13.46
CA LEU A 75 -1.25 8.21 -12.16
C LEU A 75 -0.44 9.47 -11.91
N HIS A 76 -1.11 10.61 -11.58
CA HIS A 76 -0.44 11.89 -11.39
C HIS A 76 -1.00 12.54 -10.12
N SER A 77 -0.35 12.29 -9.00
CA SER A 77 -0.81 12.79 -7.71
C SER A 77 0.40 13.00 -6.83
N ASP A 78 0.34 14.04 -5.97
CA ASP A 78 1.36 14.30 -4.94
C ASP A 78 1.42 13.15 -3.93
N PHE A 79 0.37 12.27 -3.87
CA PHE A 79 0.30 11.18 -2.89
C PHE A 79 0.48 9.79 -3.49
N ILE A 80 1.02 9.73 -4.70
CA ILE A 80 1.34 8.47 -5.39
C ILE A 80 2.77 8.59 -5.87
N VAL A 81 3.58 7.56 -5.61
CA VAL A 81 4.98 7.53 -6.05
C VAL A 81 5.08 7.88 -7.55
N LYS A 82 6.04 8.77 -7.92
CA LYS A 82 6.18 9.19 -9.31
C LYS A 82 6.86 8.18 -10.22
N TYR A 83 6.20 7.85 -11.32
CA TYR A 83 6.75 7.08 -12.42
C TYR A 83 7.79 8.03 -13.10
N ARG A 84 9.01 7.54 -13.43
CA ARG A 84 9.99 8.35 -14.16
C ARG A 84 10.11 7.88 -15.59
N GLY A 85 10.10 6.58 -15.80
CA GLY A 85 10.23 6.03 -17.15
C GLY A 85 10.48 4.55 -17.15
N VAL A 86 10.96 4.04 -18.28
CA VAL A 86 11.27 2.62 -18.46
C VAL A 86 12.61 2.48 -19.15
N SER A 87 13.27 1.35 -18.92
CA SER A 87 14.46 0.95 -19.65
C SER A 87 14.07 -0.32 -20.41
N TYR A 88 14.53 -0.44 -21.66
CA TYR A 88 14.21 -1.60 -22.51
C TYR A 88 15.40 -2.50 -22.72
N GLY A 89 15.10 -3.79 -22.85
CA GLY A 89 16.06 -4.85 -23.14
C GLY A 89 15.77 -5.52 -24.47
N SER A 94 9.52 -4.17 -22.10
CA SER A 94 9.84 -3.39 -20.89
C SER A 94 10.69 -4.22 -19.94
N LEU A 95 11.94 -3.81 -19.77
CA LEU A 95 12.84 -4.50 -18.87
C LEU A 95 12.67 -3.95 -17.44
N ARG A 96 12.74 -2.62 -17.28
CA ARG A 96 12.70 -2.03 -15.95
C ARG A 96 11.74 -0.86 -15.83
N LEU A 97 11.13 -0.71 -14.65
CA LEU A 97 10.24 0.41 -14.31
C LEU A 97 11.09 1.38 -13.45
N VAL A 98 11.31 2.61 -13.96
CA VAL A 98 12.12 3.60 -13.25
C VAL A 98 11.19 4.57 -12.48
N MET A 99 11.45 4.75 -11.16
CA MET A 99 10.62 5.59 -10.29
C MET A 99 11.50 6.53 -9.49
N GLU A 100 10.90 7.60 -8.91
CA GLU A 100 11.67 8.47 -8.03
C GLU A 100 12.10 7.67 -6.78
N TYR A 101 13.27 8.02 -6.24
CA TYR A 101 13.81 7.37 -5.09
C TYR A 101 13.45 8.19 -3.83
N LEU A 102 12.82 7.55 -2.83
CA LEU A 102 12.45 8.23 -1.59
C LEU A 102 13.35 7.65 -0.47
N PRO A 103 14.49 8.33 -0.16
CA PRO A 103 15.46 7.77 0.81
C PRO A 103 14.91 7.48 2.20
N SER A 104 13.86 8.21 2.66
CA SER A 104 13.26 7.90 3.97
C SER A 104 12.61 6.50 3.98
N GLY A 105 12.30 5.95 2.80
CA GLY A 105 11.77 4.59 2.66
C GLY A 105 10.36 4.36 3.14
N CYS A 106 10.03 3.10 3.49
CA CYS A 106 8.67 2.69 3.86
C CYS A 106 8.17 3.31 5.17
N LEU A 107 6.89 3.61 5.22
CA LEU A 107 6.24 4.21 6.38
C LEU A 107 6.33 3.33 7.64
N ARG A 108 6.21 2.01 7.50
CA ARG A 108 6.27 1.04 8.59
C ARG A 108 7.56 1.19 9.42
N ASP A 109 8.73 1.15 8.75
CA ASP A 109 10.03 1.29 9.43
C ASP A 109 10.25 2.72 9.90
N PHE A 110 9.73 3.72 9.14
CA PHE A 110 9.85 5.14 9.50
C PHE A 110 9.13 5.42 10.84
N LEU A 111 7.90 4.92 10.98
CA LEU A 111 7.11 5.12 12.20
C LEU A 111 7.80 4.50 13.44
N GLN A 112 8.41 3.32 13.26
CA GLN A 112 9.12 2.61 14.33
C GLN A 112 10.32 3.39 14.83
N ARG A 113 11.05 4.06 13.93
CA ARG A 113 12.24 4.85 14.27
C ARG A 113 11.93 6.24 14.80
N HIS A 114 10.86 6.88 14.32
CA HIS A 114 10.56 8.25 14.73
C HIS A 114 9.39 8.37 15.66
N ARG A 115 8.96 7.27 16.29
CA ARG A 115 7.79 7.25 17.17
C ARG A 115 7.80 8.29 18.29
N ALA A 116 8.96 8.57 18.92
CA ALA A 116 9.01 9.59 19.99
C ALA A 116 8.99 11.05 19.48
N ARG A 117 8.99 11.23 18.15
CA ARG A 117 9.00 12.53 17.49
C ARG A 117 7.64 12.90 16.83
N LEU A 118 6.88 11.89 16.38
CA LEU A 118 5.62 12.12 15.69
C LEU A 118 4.42 12.06 16.61
N ASP A 119 3.61 13.13 16.64
CA ASP A 119 2.40 13.17 17.47
C ASP A 119 1.15 12.76 16.69
N ALA A 120 -0.01 12.78 17.37
CA ALA A 120 -1.31 12.41 16.81
C ALA A 120 -1.68 13.27 15.60
N SER A 121 -1.32 14.58 15.62
CA SER A 121 -1.59 15.49 14.52
C SER A 121 -0.87 15.01 13.25
N ARG A 122 0.38 14.60 13.41
CA ARG A 122 1.22 14.09 12.34
C ARG A 122 0.69 12.77 11.76
N LEU A 123 0.16 11.88 12.61
CA LEU A 123 -0.41 10.61 12.15
C LEU A 123 -1.67 10.86 11.34
N LEU A 124 -2.46 11.85 11.77
CA LEU A 124 -3.71 12.29 11.13
C LEU A 124 -3.40 12.91 9.75
N LEU A 125 -2.27 13.63 9.64
CA LEU A 125 -1.80 14.23 8.39
C LEU A 125 -1.47 13.13 7.41
N TYR A 126 -0.71 12.10 7.87
CA TYR A 126 -0.38 10.96 7.01
C TYR A 126 -1.64 10.24 6.55
N SER A 127 -2.60 10.02 7.50
CA SER A 127 -3.87 9.35 7.22
C SER A 127 -4.66 10.10 6.13
N SER A 128 -4.70 11.43 6.23
CA SER A 128 -5.40 12.31 5.27
C SER A 128 -4.77 12.25 3.87
N GLN A 129 -3.43 12.25 3.80
CA GLN A 129 -2.67 12.12 2.57
C GLN A 129 -2.90 10.78 1.89
N ILE A 130 -2.85 9.65 2.66
CA ILE A 130 -3.11 8.32 2.09
C ILE A 130 -4.57 8.25 1.58
N CYS A 131 -5.52 8.78 2.37
CA CYS A 131 -6.93 8.82 1.99
C CYS A 131 -7.13 9.67 0.69
N LYS A 132 -6.42 10.79 0.55
CA LYS A 132 -6.48 11.60 -0.68
C LYS A 132 -5.90 10.83 -1.89
N GLY A 133 -4.79 10.11 -1.69
CA GLY A 133 -4.23 9.29 -2.76
C GLY A 133 -5.18 8.17 -3.17
N MET A 134 -5.84 7.54 -2.18
CA MET A 134 -6.80 6.45 -2.42
C MET A 134 -8.09 6.93 -3.08
N GLU A 135 -8.54 8.14 -2.74
CA GLU A 135 -9.70 8.74 -3.38
C GLU A 135 -9.38 8.96 -4.87
N TYR A 136 -8.17 9.47 -5.16
CA TYR A 136 -7.70 9.63 -6.53
C TYR A 136 -7.61 8.28 -7.26
N LEU A 137 -7.06 7.21 -6.62
CA LEU A 137 -6.99 5.88 -7.27
C LEU A 137 -8.37 5.37 -7.65
N GLY A 138 -9.31 5.57 -6.75
CA GLY A 138 -10.71 5.20 -6.95
C GLY A 138 -11.32 5.92 -8.12
N SER A 139 -10.96 7.22 -8.31
CA SER A 139 -11.46 8.04 -9.43
C SER A 139 -10.90 7.50 -10.76
N ARG A 140 -9.76 6.78 -10.70
CA ARG A 140 -9.13 6.17 -11.87
C ARG A 140 -9.62 4.78 -12.09
N ARG A 141 -10.56 4.31 -11.22
CA ARG A 141 -11.11 2.94 -11.24
C ARG A 141 -10.00 1.91 -10.89
N CYS A 142 -8.98 2.35 -10.15
CA CYS A 142 -7.88 1.50 -9.75
C CYS A 142 -8.08 0.92 -8.35
N VAL A 143 -7.96 -0.40 -8.25
CA VAL A 143 -8.01 -1.13 -6.98
C VAL A 143 -6.53 -1.43 -6.65
N HIS A 144 -6.03 -0.94 -5.51
CA HIS A 144 -4.61 -1.17 -5.12
C HIS A 144 -4.33 -2.63 -4.71
N ARG A 145 -5.21 -3.23 -3.87
CA ARG A 145 -5.19 -4.63 -3.38
C ARG A 145 -4.06 -4.93 -2.37
N ASP A 146 -3.12 -4.00 -2.13
CA ASP A 146 -2.01 -4.31 -1.22
C ASP A 146 -1.69 -3.11 -0.32
N LEU A 147 -2.71 -2.35 0.07
CA LEU A 147 -2.48 -1.18 0.88
C LEU A 147 -2.08 -1.59 2.31
N ALA A 148 -0.87 -1.22 2.74
CA ALA A 148 -0.33 -1.55 4.06
C ALA A 148 0.81 -0.56 4.31
N ALA A 149 1.17 -0.27 5.59
CA ALA A 149 2.22 0.72 5.90
C ALA A 149 3.57 0.42 5.28
N ARG A 150 3.87 -0.87 5.04
CA ARG A 150 5.10 -1.32 4.37
C ARG A 150 5.13 -0.89 2.89
N ASN A 151 3.93 -0.58 2.29
CA ASN A 151 3.76 -0.20 0.87
C ASN A 151 3.50 1.28 0.68
N ILE A 152 3.65 2.04 1.75
CA ILE A 152 3.54 3.50 1.73
C ILE A 152 4.98 3.98 1.89
N LEU A 153 5.37 5.02 1.15
CA LEU A 153 6.71 5.60 1.21
C LEU A 153 6.68 6.99 1.81
N VAL A 154 7.80 7.42 2.39
CA VAL A 154 7.90 8.70 3.06
C VAL A 154 8.74 9.65 2.19
N GLU A 155 8.13 10.74 1.75
CA GLU A 155 8.79 11.78 0.95
C GLU A 155 9.53 12.69 1.93
N SER A 156 8.86 13.07 3.03
CA SER A 156 9.42 13.91 4.08
C SER A 156 8.64 13.64 5.36
N GLU A 157 9.07 14.27 6.46
CA GLU A 157 8.46 14.29 7.78
C GLU A 157 6.95 14.67 7.69
N ALA A 158 6.55 15.47 6.69
CA ALA A 158 5.15 15.91 6.55
C ALA A 158 4.51 15.45 5.20
N HIS A 159 5.03 14.36 4.59
CA HIS A 159 4.52 13.95 3.27
C HIS A 159 4.76 12.48 2.99
N VAL A 160 3.66 11.74 2.78
CA VAL A 160 3.69 10.32 2.45
C VAL A 160 3.08 10.08 1.04
N LYS A 161 3.47 8.96 0.42
CA LYS A 161 3.02 8.58 -0.92
C LYS A 161 2.73 7.09 -0.98
N ILE A 162 1.64 6.73 -1.65
CA ILE A 162 1.29 5.32 -1.84
C ILE A 162 2.23 4.76 -2.93
N ALA A 163 2.75 3.54 -2.72
CA ALA A 163 3.62 2.89 -3.71
C ALA A 163 3.20 1.44 -3.94
N ASP A 164 4.02 0.68 -4.71
CA ASP A 164 3.84 -0.74 -5.01
C ASP A 164 2.47 -1.07 -5.63
N PHE A 165 2.37 -0.89 -6.95
CA PHE A 165 1.15 -1.19 -7.72
C PHE A 165 1.25 -2.56 -8.38
N GLY A 166 2.10 -3.42 -7.81
CA GLY A 166 2.34 -4.79 -8.30
C GLY A 166 1.11 -5.68 -8.33
N LEU A 167 0.12 -5.44 -7.47
CA LEU A 167 -1.14 -6.23 -7.45
C LEU A 167 -2.36 -5.41 -7.89
N ALA A 168 -2.15 -4.15 -8.27
CA ALA A 168 -3.23 -3.24 -8.67
C ALA A 168 -3.99 -3.70 -9.92
N LYS A 169 -5.29 -3.41 -9.96
CA LYS A 169 -6.16 -3.77 -11.09
C LYS A 169 -7.08 -2.62 -11.46
N LEU A 170 -7.35 -2.48 -12.76
CA LEU A 170 -8.26 -1.47 -13.26
C LEU A 170 -9.62 -2.14 -13.40
N LEU A 171 -10.65 -1.51 -12.83
CA LEU A 171 -12.01 -2.05 -12.94
C LEU A 171 -12.64 -1.74 -14.28
N PRO A 172 -13.31 -2.73 -14.92
CA PRO A 172 -14.03 -2.41 -16.18
C PRO A 172 -15.12 -1.37 -15.93
N LEU A 173 -15.56 -0.62 -16.96
CA LEU A 173 -16.57 0.43 -16.76
C LEU A 173 -17.91 -0.07 -16.21
N ASP A 174 -18.27 -1.35 -16.45
CA ASP A 174 -19.57 -1.88 -16.05
C ASP A 174 -19.57 -2.83 -14.81
N LYS A 175 -18.38 -3.02 -14.17
CA LYS A 175 -18.19 -3.93 -13.02
C LYS A 175 -17.39 -3.18 -11.93
N ASP A 176 -17.94 -3.10 -10.69
CA ASP A 176 -17.32 -2.37 -9.57
C ASP A 176 -16.46 -3.23 -8.61
N TYR A 177 -16.17 -4.47 -8.99
CA TYR A 177 -15.35 -5.39 -8.20
C TYR A 177 -14.68 -6.34 -9.21
N TYR A 178 -13.77 -7.18 -8.74
CA TYR A 178 -13.15 -8.23 -9.56
C TYR A 178 -12.87 -9.48 -8.73
N VAL A 179 -12.82 -10.64 -9.39
CA VAL A 179 -12.59 -11.92 -8.73
C VAL A 179 -11.26 -12.52 -9.22
N VAL A 180 -10.39 -12.89 -8.26
CA VAL A 180 -9.07 -13.49 -8.53
C VAL A 180 -9.23 -15.02 -8.48
N ARG A 181 -8.64 -15.72 -9.47
CA ARG A 181 -8.70 -17.18 -9.59
C ARG A 181 -8.06 -17.90 -8.39
N GLU A 182 -6.77 -17.62 -8.14
CA GLU A 182 -6.01 -18.22 -7.04
C GLU A 182 -5.98 -17.27 -5.83
N PRO A 183 -6.07 -17.78 -4.57
CA PRO A 183 -6.01 -16.87 -3.40
C PRO A 183 -4.65 -16.17 -3.24
N GLY A 184 -4.69 -15.00 -2.60
CA GLY A 184 -3.55 -14.11 -2.39
C GLY A 184 -2.34 -14.68 -1.70
N GLN A 185 -1.21 -14.00 -1.85
CA GLN A 185 0.03 -14.39 -1.25
C GLN A 185 0.56 -13.34 -0.25
N SER A 186 -0.28 -12.37 0.11
CA SER A 186 0.13 -11.32 1.06
C SER A 186 -0.27 -11.70 2.49
N PRO A 187 0.40 -11.16 3.55
CA PRO A 187 -0.07 -11.41 4.93
C PRO A 187 -1.58 -11.20 5.01
N ILE A 188 -2.32 -12.22 5.49
CA ILE A 188 -3.78 -12.28 5.46
C ILE A 188 -4.51 -11.23 6.32
N PHE A 189 -3.78 -10.57 7.25
CA PHE A 189 -4.35 -9.67 8.26
C PHE A 189 -4.80 -8.29 7.74
N TRP A 190 -4.61 -8.03 6.43
CA TRP A 190 -5.07 -6.77 5.81
C TRP A 190 -6.30 -7.03 4.89
N TYR A 191 -6.58 -8.30 4.54
CA TYR A 191 -7.69 -8.63 3.63
C TYR A 191 -9.07 -8.47 4.21
N ALA A 192 -10.01 -7.97 3.40
CA ALA A 192 -11.41 -7.84 3.75
C ALA A 192 -12.09 -9.26 3.87
N PRO A 193 -13.20 -9.42 4.63
CA PRO A 193 -13.85 -10.76 4.72
C PRO A 193 -14.23 -11.36 3.37
N GLU A 194 -14.75 -10.51 2.43
CA GLU A 194 -15.13 -10.97 1.08
C GLU A 194 -13.92 -11.40 0.26
N SER A 195 -12.71 -10.82 0.53
CA SER A 195 -11.51 -11.26 -0.16
C SER A 195 -11.08 -12.60 0.44
N LEU A 196 -11.12 -12.72 1.78
CA LEU A 196 -10.76 -13.98 2.47
C LEU A 196 -11.70 -15.12 2.04
N SER A 197 -13.00 -14.85 2.01
CA SER A 197 -13.97 -15.89 1.64
C SER A 197 -14.10 -16.14 0.16
N ASP A 198 -14.27 -15.08 -0.68
CA ASP A 198 -14.55 -15.30 -2.10
C ASP A 198 -13.53 -14.73 -3.11
N ASN A 199 -12.37 -14.18 -2.65
CA ASN A 199 -11.35 -13.57 -3.54
C ASN A 199 -11.90 -12.37 -4.30
N ILE A 200 -12.84 -11.64 -3.67
CA ILE A 200 -13.49 -10.47 -4.22
C ILE A 200 -12.71 -9.24 -3.80
N PHE A 201 -12.31 -8.44 -4.77
CA PHE A 201 -11.59 -7.19 -4.50
C PHE A 201 -12.29 -6.01 -5.17
N SER A 202 -12.32 -4.88 -4.48
CA SER A 202 -12.99 -3.67 -4.96
C SER A 202 -12.36 -2.47 -4.25
N ARG A 203 -12.90 -1.27 -4.50
CA ARG A 203 -12.46 -0.06 -3.83
C ARG A 203 -12.88 -0.09 -2.36
N GLN A 204 -13.95 -0.86 -2.05
CA GLN A 204 -14.48 -1.07 -0.70
C GLN A 204 -13.60 -2.05 0.11
N SER A 205 -12.91 -2.99 -0.56
CA SER A 205 -11.97 -3.87 0.14
C SER A 205 -10.66 -3.07 0.41
N ASP A 206 -10.34 -2.04 -0.45
CA ASP A 206 -9.21 -1.13 -0.21
C ASP A 206 -9.51 -0.27 1.04
N VAL A 207 -10.81 0.08 1.25
CA VAL A 207 -11.27 0.83 2.42
C VAL A 207 -11.03 -0.02 3.67
N TRP A 208 -11.36 -1.34 3.64
CA TRP A 208 -11.09 -2.25 4.77
C TRP A 208 -9.58 -2.19 5.11
N SER A 209 -8.71 -2.35 4.10
CA SER A 209 -7.25 -2.29 4.23
C SER A 209 -6.78 -0.97 4.80
N PHE A 210 -7.44 0.14 4.41
CA PHE A 210 -7.13 1.47 4.95
C PHE A 210 -7.40 1.54 6.45
N GLY A 211 -8.47 0.88 6.92
CA GLY A 211 -8.74 0.80 8.36
C GLY A 211 -7.58 0.12 9.08
N VAL A 212 -6.99 -0.92 8.45
CA VAL A 212 -5.80 -1.63 9.00
C VAL A 212 -4.59 -0.70 8.94
N VAL A 213 -4.50 0.15 7.89
CA VAL A 213 -3.42 1.16 7.81
C VAL A 213 -3.53 2.18 8.96
N LEU A 214 -4.75 2.68 9.24
CA LEU A 214 -4.99 3.62 10.36
C LEU A 214 -4.53 2.99 11.69
N TYR A 215 -4.86 1.69 11.91
CA TYR A 215 -4.46 0.92 13.09
C TYR A 215 -2.91 0.91 13.16
N GLU A 216 -2.23 0.63 12.02
CA GLU A 216 -0.77 0.62 11.90
C GLU A 216 -0.17 1.96 12.28
N LEU A 217 -0.74 3.05 11.76
CA LEU A 217 -0.25 4.42 12.06
C LEU A 217 -0.33 4.71 13.58
N PHE A 218 -1.48 4.36 14.21
CA PHE A 218 -1.71 4.72 15.61
C PHE A 218 -1.04 3.75 16.61
N THR A 219 -0.40 2.67 16.12
CA THR A 219 0.44 1.75 16.93
C THR A 219 1.92 1.98 16.55
N TYR A 220 2.18 3.01 15.70
CA TYR A 220 3.51 3.34 15.15
C TYR A 220 4.18 2.10 14.58
N CYS A 221 3.37 1.19 14.03
CA CYS A 221 3.84 -0.10 13.49
C CYS A 221 4.66 -0.92 14.50
N ASP A 222 4.27 -0.83 15.79
CA ASP A 222 4.89 -1.61 16.85
C ASP A 222 4.63 -3.07 16.58
N LYS A 223 5.70 -3.89 16.53
CA LYS A 223 5.61 -5.31 16.24
C LYS A 223 4.76 -6.09 17.26
N SER A 224 4.86 -5.75 18.56
CA SER A 224 4.15 -6.44 19.65
C SER A 224 2.60 -6.34 19.56
N CYS A 225 2.06 -5.25 19.00
CA CYS A 225 0.60 -5.12 18.78
C CYS A 225 0.25 -5.01 17.28
N SER A 226 1.08 -5.58 16.38
CA SER A 226 0.85 -5.52 14.93
C SER A 226 -0.41 -6.29 14.55
N PRO A 227 -0.99 -6.05 13.35
CA PRO A 227 -2.18 -6.83 12.95
C PRO A 227 -1.96 -8.34 13.09
N SER A 228 -0.75 -8.83 12.71
CA SER A 228 -0.41 -10.24 12.84
C SER A 228 -0.24 -10.68 14.30
N ALA A 229 0.59 -9.98 15.09
CA ALA A 229 0.75 -10.39 16.51
C ALA A 229 -0.59 -10.38 17.24
N GLU A 230 -1.40 -9.33 17.05
CA GLU A 230 -2.67 -9.18 17.76
C GLU A 230 -3.78 -10.10 17.24
N PHE A 231 -3.98 -10.24 15.89
CA PHE A 231 -5.00 -11.19 15.42
C PHE A 231 -4.62 -12.62 15.82
N LEU A 232 -3.31 -12.99 15.73
CA LEU A 232 -2.88 -14.34 16.12
C LEU A 232 -3.16 -14.61 17.62
N ARG A 233 -2.93 -13.60 18.47
CA ARG A 233 -3.17 -13.67 19.92
C ARG A 233 -4.66 -13.83 20.21
N MET A 234 -5.54 -13.13 19.47
CA MET A 234 -6.99 -13.24 19.63
C MET A 234 -7.53 -14.57 19.06
N MET A 235 -6.85 -15.14 18.03
CA MET A 235 -7.24 -16.38 17.33
C MET A 235 -7.27 -17.62 18.21
N ASP A 240 -7.83 -28.48 15.31
CA ASP A 240 -7.10 -28.07 14.12
C ASP A 240 -8.06 -27.46 13.07
N VAL A 241 -7.76 -26.22 12.63
CA VAL A 241 -8.52 -25.42 11.65
C VAL A 241 -7.53 -24.44 10.94
N PRO A 242 -7.61 -24.26 9.59
CA PRO A 242 -6.68 -23.32 8.91
C PRO A 242 -6.81 -21.89 9.43
N ALA A 243 -5.66 -21.20 9.60
CA ALA A 243 -5.53 -19.81 10.07
C ALA A 243 -6.41 -18.81 9.33
N LEU A 244 -6.49 -18.92 7.98
CA LEU A 244 -7.31 -18.05 7.12
C LEU A 244 -8.80 -18.19 7.50
N SER A 245 -9.27 -19.45 7.63
CA SER A 245 -10.64 -19.82 8.01
C SER A 245 -10.93 -19.38 9.44
N ARG A 246 -9.92 -19.48 10.34
CA ARG A 246 -10.03 -19.04 11.73
C ARG A 246 -10.11 -17.49 11.83
N LEU A 247 -9.35 -16.77 10.96
CA LEU A 247 -9.42 -15.30 10.96
C LEU A 247 -10.80 -14.86 10.46
N LEU A 248 -11.30 -15.52 9.39
CA LEU A 248 -12.63 -15.30 8.82
C LEU A 248 -13.72 -15.53 9.88
N GLU A 249 -13.56 -16.59 10.71
CA GLU A 249 -14.44 -16.92 11.84
C GLU A 249 -14.49 -15.77 12.85
N LEU A 250 -13.30 -15.26 13.29
CA LEU A 250 -13.21 -14.13 14.23
C LEU A 250 -13.94 -12.91 13.65
N LEU A 251 -13.63 -12.56 12.39
CA LEU A 251 -14.18 -11.39 11.71
C LEU A 251 -15.71 -11.50 11.55
N GLU A 252 -16.20 -12.67 11.12
CA GLU A 252 -17.65 -12.90 10.95
C GLU A 252 -18.43 -12.73 12.26
N GLU A 253 -17.80 -13.07 13.40
CA GLU A 253 -18.34 -12.93 14.76
C GLU A 253 -18.44 -11.46 15.21
N GLY A 254 -17.77 -10.56 14.49
CA GLY A 254 -17.73 -9.14 14.81
C GLY A 254 -16.52 -8.74 15.60
N GLN A 255 -15.55 -9.69 15.80
CA GLN A 255 -14.32 -9.40 16.53
C GLN A 255 -13.39 -8.56 15.65
N ARG A 256 -12.73 -7.57 16.24
CA ARG A 256 -11.88 -6.65 15.51
C ARG A 256 -10.63 -6.34 16.29
N LEU A 257 -9.62 -5.75 15.63
CA LEU A 257 -8.40 -5.31 16.31
C LEU A 257 -8.79 -4.27 17.38
N PRO A 258 -8.14 -4.27 18.56
CA PRO A 258 -8.56 -3.34 19.62
C PRO A 258 -8.01 -1.94 19.37
N ALA A 259 -8.56 -0.94 20.06
CA ALA A 259 -8.05 0.42 19.91
C ALA A 259 -6.58 0.46 20.33
N PRO A 260 -5.67 1.00 19.46
CA PRO A 260 -4.26 1.10 19.85
C PRO A 260 -4.07 1.85 21.18
N PRO A 261 -2.97 1.59 21.91
CA PRO A 261 -2.71 2.34 23.15
C PRO A 261 -2.67 3.86 22.90
N ALA A 262 -3.47 4.62 23.67
CA ALA A 262 -3.63 6.09 23.65
C ALA A 262 -4.26 6.66 22.36
N CYS A 263 -4.91 5.81 21.54
CA CYS A 263 -5.58 6.19 20.31
C CYS A 263 -6.73 7.14 20.63
N PRO A 264 -6.89 8.28 19.90
CA PRO A 264 -8.06 9.17 20.13
C PRO A 264 -9.32 8.37 19.79
N ALA A 265 -10.40 8.47 20.60
CA ALA A 265 -11.63 7.68 20.39
C ALA A 265 -12.23 7.80 18.99
N GLU A 266 -12.22 9.00 18.43
CA GLU A 266 -12.75 9.30 17.10
C GLU A 266 -12.01 8.53 15.98
N VAL A 267 -10.68 8.34 16.12
CA VAL A 267 -9.86 7.61 15.14
C VAL A 267 -10.23 6.14 15.17
N HIS A 268 -10.35 5.56 16.38
CA HIS A 268 -10.78 4.17 16.55
C HIS A 268 -12.18 3.96 15.94
N GLU A 269 -13.10 4.92 16.15
CA GLU A 269 -14.47 4.84 15.57
C GLU A 269 -14.44 4.77 14.02
N LEU A 270 -13.51 5.50 13.37
CA LEU A 270 -13.34 5.50 11.91
C LEU A 270 -12.82 4.16 11.41
N MET A 271 -11.84 3.55 12.16
CA MET A 271 -11.30 2.22 11.84
C MET A 271 -12.46 1.22 11.81
N LYS A 272 -13.33 1.28 12.81
CA LYS A 272 -14.51 0.42 12.92
C LYS A 272 -15.48 0.59 11.77
N LEU A 273 -15.63 1.82 11.24
CA LEU A 273 -16.47 2.07 10.06
C LEU A 273 -15.85 1.41 8.81
N CYS A 274 -14.50 1.50 8.67
CA CYS A 274 -13.76 0.87 7.56
C CYS A 274 -13.88 -0.63 7.61
N TRP A 275 -14.04 -1.15 8.82
CA TRP A 275 -14.19 -2.59 9.03
C TRP A 275 -15.63 -3.09 9.10
N ALA A 276 -16.58 -2.35 8.47
CA ALA A 276 -18.00 -2.77 8.41
C ALA A 276 -18.07 -4.13 7.71
N PRO A 277 -18.89 -5.08 8.20
CA PRO A 277 -18.93 -6.41 7.56
C PRO A 277 -19.23 -6.41 6.06
N SER A 278 -20.20 -5.59 5.64
CA SER A 278 -20.59 -5.53 4.23
C SER A 278 -19.87 -4.41 3.49
N PRO A 279 -19.25 -4.69 2.32
CA PRO A 279 -18.52 -3.62 1.58
C PRO A 279 -19.32 -2.36 1.32
N GLN A 280 -20.63 -2.52 1.04
CA GLN A 280 -21.56 -1.42 0.78
C GLN A 280 -21.78 -0.49 2.00
N ASP A 281 -21.56 -0.99 3.24
CA ASP A 281 -21.72 -0.18 4.46
C ASP A 281 -20.47 0.58 4.87
N ARG A 282 -19.31 0.27 4.24
CA ARG A 282 -18.05 0.93 4.56
C ARG A 282 -18.09 2.35 4.00
N PRO A 283 -17.51 3.38 4.67
CA PRO A 283 -17.54 4.72 4.09
C PRO A 283 -16.66 4.79 2.85
N SER A 284 -16.84 5.81 2.02
CA SER A 284 -16.04 5.97 0.82
C SER A 284 -14.80 6.71 1.24
N PHE A 285 -13.74 6.68 0.43
CA PHE A 285 -12.55 7.50 0.67
C PHE A 285 -12.94 8.98 0.61
N SER A 286 -13.93 9.34 -0.24
CA SER A 286 -14.39 10.75 -0.31
C SER A 286 -15.10 11.18 0.97
N ALA A 287 -15.86 10.28 1.62
CA ALA A 287 -16.51 10.59 2.91
C ALA A 287 -15.49 10.61 4.07
N LEU A 288 -14.48 9.70 4.05
CA LEU A 288 -13.44 9.66 5.10
C LEU A 288 -12.53 10.87 5.16
N GLY A 289 -12.15 11.37 3.98
CA GLY A 289 -11.25 12.50 3.81
C GLY A 289 -11.56 13.74 4.65
N PRO A 290 -12.76 14.37 4.48
CA PRO A 290 -13.08 15.55 5.31
C PRO A 290 -13.10 15.25 6.80
N GLN A 291 -13.47 14.00 7.20
CA GLN A 291 -13.50 13.56 8.60
C GLN A 291 -12.09 13.53 9.22
N LEU A 292 -11.10 13.01 8.48
CA LEU A 292 -9.70 12.99 8.92
C LEU A 292 -9.17 14.41 8.98
N ASP A 293 -9.51 15.23 7.95
CA ASP A 293 -9.12 16.64 7.89
C ASP A 293 -9.73 17.46 9.03
N MET A 294 -10.97 17.12 9.45
CA MET A 294 -11.66 17.78 10.58
C MET A 294 -10.93 17.49 11.90
N LEU A 295 -10.48 16.22 12.11
CA LEU A 295 -9.72 15.81 13.30
C LEU A 295 -8.36 16.51 13.42
N TRP A 296 -7.94 17.18 12.31
CA TRP A 296 -6.78 18.03 12.03
C TRP A 296 -5.58 17.26 11.56
N SER A 297 -5.35 17.35 10.24
CA SER A 297 -4.25 16.74 9.51
C SER A 297 -2.97 17.56 9.68
N3 7H4 B . 10.57 4.38 -4.99
C4 7H4 B . 11.10 -1.57 -1.30
N2 7H4 B . 10.90 0.71 -2.11
C7 7H4 B . 11.23 -0.09 2.60
C6 7H4 B . 10.47 0.32 0.22
C9 7H4 B . 9.97 -1.18 4.44
C13 7H4 B . 9.73 3.36 -5.47
C8 7H4 B . 11.36 -0.99 3.85
N5 7H4 B . 12.18 2.69 -1.61
C1 7H4 B . 8.92 -2.37 0.93
C2 7H4 B . 10.40 -2.03 1.10
C3 7H4 B . 11.26 -2.48 -0.07
C5 7H4 B . 11.31 -0.11 -0.97
N1 7H4 B . 10.67 -0.57 1.37
O1 7H4 B . 11.71 1.05 2.70
C10 7H4 B . 11.30 2.01 -2.43
C11 7H4 B . 10.75 2.61 -3.60
C12 7H4 B . 9.81 2.27 -4.61
C14 7H4 B . 11.20 3.94 -3.86
N4 7H4 B . 12.08 4.67 -3.08
C15 7H4 B . 12.50 3.96 -1.99
S SO4 C . 9.15 -7.25 5.03
O1 SO4 C . 9.14 -5.92 4.40
O2 SO4 C . 7.80 -7.61 5.44
O3 SO4 C . 9.66 -8.23 4.07
O4 SO4 C . 10.04 -7.23 6.21
#